data_5MEC
#
_entry.id   5MEC
#
_cell.length_a   45.130
_cell.length_b   46.330
_cell.length_c   75.360
_cell.angle_alpha   90.00
_cell.angle_beta   90.00
_cell.angle_gamma   90.00
#
_symmetry.space_group_name_H-M   'P 21 21 21'
#
loop_
_entity.id
_entity.type
_entity.pdbx_description
1 polymer 'Cell division cycle protein CDT1'
2 water water
#
_entity_poly.entity_id   1
_entity_poly.type   'polypeptide(L)'
_entity_poly.pdbx_seq_one_letter_code
;GMSKGEGTIANHLLEQQIKAFPKVAQQYYPRELSILRLQDAMKFVKELFTVCETVLSLNALSRSTGVPPELHVLLPQISS
MMKRKIVQDDILKLLTIWSDAYVVELNSRGELTMNLPKRDNLTTLTNKSRTLAFVERAESWYQQVIASKDEIMTDVPAFK
INKRRSSSN
;
_entity_poly.pdbx_strand_id   A
#
# COMPACT_ATOMS: atom_id res chain seq x y z
N ALA A 25 0.05 4.18 -31.81
CA ALA A 25 -1.28 4.61 -32.21
C ALA A 25 -1.30 6.11 -32.52
N GLN A 26 -2.47 6.73 -32.31
CA GLN A 26 -2.61 8.16 -32.55
C GLN A 26 -2.21 8.96 -31.32
N GLN A 27 -2.87 8.70 -30.21
CA GLN A 27 -2.65 9.45 -28.98
C GLN A 27 -1.74 8.73 -28.00
N TYR A 28 -1.90 7.41 -27.92
CA TYR A 28 -1.20 6.62 -26.92
C TYR A 28 -0.14 5.70 -27.49
N TYR A 29 1.11 6.02 -27.17
CA TYR A 29 2.26 5.19 -27.52
C TYR A 29 2.71 4.46 -26.24
N PRO A 30 3.62 3.48 -26.36
CA PRO A 30 4.09 2.70 -25.20
C PRO A 30 4.27 3.47 -23.89
N ARG A 31 4.86 4.66 -23.92
CA ARG A 31 5.07 5.42 -22.69
CA ARG A 31 5.07 5.44 -22.70
C ARG A 31 3.75 5.84 -22.08
N GLU A 32 2.84 6.35 -22.90
CA GLU A 32 1.53 6.76 -22.42
C GLU A 32 0.73 5.58 -21.89
N LEU A 33 0.91 4.42 -22.53
CA LEU A 33 0.23 3.21 -22.09
C LEU A 33 0.73 2.77 -20.73
N SER A 34 2.02 2.95 -20.48
CA SER A 34 2.60 2.63 -19.19
C SER A 34 2.06 3.56 -18.11
N ILE A 35 1.86 4.83 -18.47
CA ILE A 35 1.31 5.81 -17.54
C ILE A 35 -0.12 5.41 -17.15
N LEU A 36 -0.92 5.00 -18.13
CA LEU A 36 -2.27 4.53 -17.87
C LEU A 36 -2.30 3.31 -16.94
N ARG A 37 -1.32 2.42 -17.12
CA ARG A 37 -1.18 1.25 -16.25
C ARG A 37 -0.89 1.69 -14.82
N LEU A 38 -0.02 2.69 -14.70
CA LEU A 38 0.39 3.19 -13.39
C LEU A 38 -0.77 3.87 -12.67
N GLN A 39 -1.65 4.50 -13.43
CA GLN A 39 -2.82 5.17 -12.86
C GLN A 39 -3.75 4.16 -12.21
N ASP A 40 -3.86 2.96 -12.80
CA ASP A 40 -4.65 1.89 -12.20
C ASP A 40 -4.00 1.37 -10.93
N ALA A 41 -2.68 1.42 -10.90
CA ALA A 41 -1.93 1.04 -9.71
C ALA A 41 -2.13 2.07 -8.62
N MET A 42 -2.23 3.34 -9.01
CA MET A 42 -2.51 4.42 -8.05
C MET A 42 -3.88 4.23 -7.43
N LYS A 43 -4.86 3.92 -8.27
CA LYS A 43 -6.22 3.66 -7.81
C LYS A 43 -6.25 2.47 -6.86
N PHE A 44 -5.38 1.49 -7.12
CA PHE A 44 -5.33 0.28 -6.30
C PHE A 44 -4.80 0.54 -4.90
N VAL A 45 -3.65 1.23 -4.80
CA VAL A 45 -3.02 1.47 -3.50
C VAL A 45 -3.80 2.45 -2.64
N LYS A 46 -4.56 3.33 -3.29
CA LYS A 46 -5.40 4.27 -2.56
C LYS A 46 -6.55 3.54 -1.88
N GLU A 47 -7.17 2.62 -2.62
CA GLU A 47 -8.26 1.82 -2.07
CA GLU A 47 -8.27 1.82 -2.07
C GLU A 47 -7.74 0.86 -1.01
N LEU A 48 -6.56 0.28 -1.28
CA LEU A 48 -5.95 -0.66 -0.35
C LEU A 48 -5.60 0.00 0.97
N PHE A 49 -5.17 1.26 0.90
CA PHE A 49 -4.83 2.00 2.10
C PHE A 49 -6.06 2.17 3.00
N THR A 50 -7.17 2.59 2.40
CA THR A 50 -8.43 2.74 3.12
C THR A 50 -8.86 1.43 3.77
N VAL A 51 -8.73 0.33 3.03
CA VAL A 51 -9.12 -0.98 3.55
C VAL A 51 -8.22 -1.42 4.71
N CYS A 52 -6.93 -1.15 4.59
CA CYS A 52 -6.00 -1.47 5.68
C CYS A 52 -6.29 -0.60 6.89
N GLU A 53 -6.77 0.62 6.66
CA GLU A 53 -7.09 1.53 7.74
C GLU A 53 -8.23 0.98 8.62
N THR A 54 -9.31 0.52 7.99
CA THR A 54 -10.46 0.01 8.73
CA THR A 54 -10.44 0.05 8.76
C THR A 54 -10.14 -1.29 9.44
N VAL A 55 -9.41 -2.17 8.75
CA VAL A 55 -9.08 -3.48 9.32
C VAL A 55 -8.13 -3.36 10.50
N LEU A 56 -7.02 -2.63 10.33
CA LEU A 56 -6.02 -2.49 11.38
C LEU A 56 -6.54 -1.69 12.58
N SER A 57 -7.40 -0.71 12.33
CA SER A 57 -7.95 0.10 13.40
C SER A 57 -8.88 -0.75 14.28
N LEU A 58 -9.70 -1.56 13.64
CA LEU A 58 -10.65 -2.41 14.35
C LEU A 58 -9.92 -3.51 15.13
N ASN A 59 -8.96 -4.15 14.48
CA ASN A 59 -8.24 -5.26 15.11
C ASN A 59 -7.30 -4.81 16.22
N ALA A 60 -6.92 -3.54 16.21
CA ALA A 60 -6.03 -3.00 17.25
C ALA A 60 -6.80 -2.74 18.55
N LEU A 61 -8.11 -2.85 18.49
CA LEU A 61 -8.94 -2.62 19.67
C LEU A 61 -9.22 -3.93 20.40
N SER A 62 -8.98 -5.05 19.73
CA SER A 62 -9.38 -6.35 20.26
C SER A 62 -8.53 -6.80 21.45
N ARG A 63 -7.28 -6.35 21.50
CA ARG A 63 -6.37 -6.76 22.58
C ARG A 63 -5.91 -5.57 23.43
N SER A 64 -5.62 -5.83 24.70
CA SER A 64 -5.26 -4.77 25.64
C SER A 64 -3.98 -4.06 25.23
N THR A 65 -3.09 -4.77 24.54
CA THR A 65 -1.82 -4.22 24.12
C THR A 65 -1.98 -3.21 22.98
N GLY A 66 -3.14 -3.25 22.32
CA GLY A 66 -3.40 -2.37 21.20
C GLY A 66 -2.68 -2.83 19.95
N VAL A 67 -2.20 -4.06 19.98
CA VAL A 67 -1.48 -4.63 18.86
C VAL A 67 -2.36 -5.65 18.13
N PRO A 68 -2.53 -5.46 16.82
CA PRO A 68 -3.33 -6.37 16.00
C PRO A 68 -2.58 -7.68 15.73
N PRO A 69 -3.29 -8.73 15.28
CA PRO A 69 -2.65 -9.99 14.89
C PRO A 69 -1.63 -9.80 13.77
N GLU A 70 -0.88 -10.85 13.45
CA GLU A 70 0.07 -10.80 12.34
C GLU A 70 -0.66 -10.50 11.03
N LEU A 71 0.06 -9.92 10.08
CA LEU A 71 -0.54 -9.49 8.83
C LEU A 71 -1.19 -10.63 8.06
N HIS A 72 -0.58 -11.82 8.12
CA HIS A 72 -1.10 -12.97 7.39
C HIS A 72 -2.46 -13.41 7.93
N VAL A 73 -2.76 -13.02 9.17
CA VAL A 73 -4.05 -13.33 9.78
C VAL A 73 -5.13 -12.40 9.26
N LEU A 74 -4.74 -11.17 8.92
CA LEU A 74 -5.68 -10.13 8.54
C LEU A 74 -5.91 -10.05 7.03
N LEU A 75 -5.07 -10.75 6.27
CA LEU A 75 -5.15 -10.71 4.81
C LEU A 75 -6.50 -11.19 4.25
N PRO A 76 -7.10 -12.25 4.82
CA PRO A 76 -8.44 -12.60 4.33
C PRO A 76 -9.47 -11.48 4.48
N GLN A 77 -9.41 -10.73 5.59
CA GLN A 77 -10.31 -9.61 5.79
C GLN A 77 -10.04 -8.52 4.74
N ILE A 78 -8.77 -8.19 4.58
CA ILE A 78 -8.36 -7.18 3.61
C ILE A 78 -8.77 -7.60 2.20
N SER A 79 -8.62 -8.89 1.91
CA SER A 79 -8.96 -9.43 0.60
C SER A 79 -10.44 -9.34 0.29
N SER A 80 -11.28 -9.65 1.28
CA SER A 80 -12.73 -9.64 1.09
C SER A 80 -13.25 -8.23 0.83
N MET A 81 -12.65 -7.25 1.48
CA MET A 81 -13.05 -5.87 1.29
C MET A 81 -12.57 -5.34 -0.05
N MET A 82 -11.42 -5.84 -0.50
CA MET A 82 -10.86 -5.42 -1.78
C MET A 82 -11.47 -6.23 -2.94
N LYS A 83 -12.23 -7.26 -2.60
CA LYS A 83 -12.88 -8.15 -3.57
C LYS A 83 -11.84 -8.81 -4.49
N ARG A 84 -10.67 -9.08 -3.91
CA ARG A 84 -9.57 -9.72 -4.63
CA ARG A 84 -9.56 -9.71 -4.63
C ARG A 84 -8.55 -10.25 -3.63
N LYS A 85 -7.82 -11.30 -4.01
CA LYS A 85 -6.84 -11.88 -3.09
C LYS A 85 -5.63 -10.95 -2.93
N ILE A 86 -5.51 -10.37 -1.73
CA ILE A 86 -4.42 -9.47 -1.42
C ILE A 86 -3.29 -10.21 -0.70
N VAL A 87 -2.07 -10.03 -1.17
CA VAL A 87 -0.90 -10.63 -0.54
C VAL A 87 -0.05 -9.58 0.17
N GLN A 88 0.99 -10.03 0.86
CA GLN A 88 1.85 -9.15 1.64
C GLN A 88 2.55 -8.10 0.78
N ASP A 89 2.95 -8.49 -0.43
CA ASP A 89 3.61 -7.57 -1.36
C ASP A 89 2.72 -6.39 -1.71
N ASP A 90 1.41 -6.63 -1.85
CA ASP A 90 0.46 -5.57 -2.12
C ASP A 90 0.45 -4.55 -0.98
N ILE A 91 0.47 -5.06 0.26
CA ILE A 91 0.46 -4.20 1.44
C ILE A 91 1.71 -3.34 1.52
N LEU A 92 2.84 -3.92 1.10
CA LEU A 92 4.12 -3.23 1.18
C LEU A 92 4.22 -2.09 0.18
N LYS A 93 3.34 -2.08 -0.81
CA LYS A 93 3.30 -0.99 -1.79
C LYS A 93 2.94 0.33 -1.10
N LEU A 94 2.16 0.24 -0.04
CA LEU A 94 1.71 1.41 0.70
C LEU A 94 2.88 2.19 1.31
N LEU A 95 3.86 1.44 1.81
CA LEU A 95 5.02 2.03 2.49
C LEU A 95 5.96 2.74 1.51
N THR A 96 5.90 2.33 0.25
CA THR A 96 6.63 3.01 -0.81
C THR A 96 6.09 4.43 -0.98
N ILE A 97 4.77 4.56 -0.90
CA ILE A 97 4.12 5.86 -0.98
C ILE A 97 4.33 6.65 0.31
N TRP A 98 4.10 5.99 1.44
CA TRP A 98 4.23 6.61 2.74
C TRP A 98 4.96 5.68 3.71
N SER A 99 6.25 5.92 3.92
CA SER A 99 7.07 5.05 4.73
C SER A 99 6.65 5.03 6.20
N ASP A 100 6.12 6.15 6.68
CA ASP A 100 5.71 6.25 8.08
C ASP A 100 4.21 6.01 8.26
N ALA A 101 3.58 5.42 7.26
CA ALA A 101 2.14 5.15 7.31
C ALA A 101 1.82 4.11 8.38
N TYR A 102 2.66 3.08 8.47
CA TYR A 102 2.47 2.02 9.43
C TYR A 102 3.78 1.64 10.11
N VAL A 103 3.69 1.02 11.28
CA VAL A 103 4.86 0.52 11.99
C VAL A 103 5.09 -0.95 11.69
N VAL A 104 6.27 -1.28 11.17
CA VAL A 104 6.58 -2.64 10.77
C VAL A 104 7.43 -3.38 11.81
N GLU A 105 6.95 -4.54 12.24
CA GLU A 105 7.68 -5.36 13.20
C GLU A 105 7.74 -6.83 12.77
N LEU A 106 8.94 -7.39 12.76
CA LEU A 106 9.14 -8.80 12.45
C LEU A 106 9.39 -9.59 13.73
N ASN A 107 8.60 -10.63 13.96
CA ASN A 107 8.72 -11.41 15.21
C ASN A 107 9.83 -12.45 15.16
N SER A 108 9.69 -13.48 15.98
CA SER A 108 10.71 -14.51 16.11
C SER A 108 10.86 -15.36 14.85
N ARG A 109 9.74 -15.65 14.19
CA ARG A 109 9.76 -16.50 13.00
C ARG A 109 9.88 -15.68 11.72
N GLY A 110 9.94 -14.37 11.86
CA GLY A 110 10.05 -13.50 10.70
C GLY A 110 8.70 -13.13 10.12
N GLU A 111 7.63 -13.55 10.80
CA GLU A 111 6.29 -13.19 10.40
C GLU A 111 6.04 -11.69 10.55
N LEU A 112 5.48 -11.09 9.51
CA LEU A 112 5.25 -9.65 9.48
C LEU A 112 4.03 -9.23 10.29
N THR A 113 4.19 -8.17 11.08
CA THR A 113 3.08 -7.58 11.82
C THR A 113 3.06 -6.06 11.60
N MET A 114 1.94 -5.54 11.08
CA MET A 114 1.81 -4.11 10.87
C MET A 114 0.85 -3.49 11.88
N ASN A 115 1.04 -2.21 12.18
CA ASN A 115 0.19 -1.51 13.12
C ASN A 115 0.22 0.00 12.88
N LEU A 116 -0.87 0.67 13.25
CA LEU A 116 -0.94 2.12 13.17
C LEU A 116 0.09 2.76 14.11
N PRO A 117 0.71 3.86 13.68
CA PRO A 117 1.69 4.55 14.52
C PRO A 117 1.01 5.29 15.68
N LYS A 118 1.79 5.66 16.68
CA LYS A 118 1.27 6.37 17.84
C LYS A 118 1.15 7.86 17.56
N ARG A 119 -0.01 8.43 17.85
CA ARG A 119 -0.25 9.84 17.63
C ARG A 119 -0.01 10.66 18.90
N SER A 129 -6.17 13.81 9.22
CA SER A 129 -6.73 12.70 8.46
C SER A 129 -5.64 11.92 7.72
N ARG A 130 -5.51 10.64 8.04
CA ARG A 130 -4.49 9.80 7.43
C ARG A 130 -4.76 9.49 5.97
N THR A 131 -6.04 9.35 5.62
CA THR A 131 -6.42 9.06 4.24
C THR A 131 -6.02 10.18 3.30
N LEU A 132 -6.35 11.41 3.69
CA LEU A 132 -5.96 12.60 2.93
C LEU A 132 -4.45 12.70 2.81
N ALA A 133 -3.75 12.41 3.90
CA ALA A 133 -2.29 12.48 3.90
C ALA A 133 -1.69 11.49 2.92
N PHE A 134 -2.30 10.30 2.82
CA PHE A 134 -1.80 9.27 1.91
C PHE A 134 -2.01 9.64 0.45
N VAL A 135 -3.19 10.18 0.14
CA VAL A 135 -3.53 10.57 -1.21
C VAL A 135 -2.60 11.67 -1.72
N GLU A 136 -2.30 12.63 -0.85
CA GLU A 136 -1.38 13.72 -1.18
C GLU A 136 0.00 13.19 -1.52
N ARG A 137 0.48 12.23 -0.74
CA ARG A 137 1.78 11.62 -1.00
C ARG A 137 1.73 10.73 -2.23
N ALA A 138 0.61 10.05 -2.43
CA ALA A 138 0.42 9.20 -3.61
C ALA A 138 0.43 10.03 -4.87
N GLU A 139 -0.21 11.20 -4.81
CA GLU A 139 -0.24 12.13 -5.93
C GLU A 139 1.16 12.66 -6.21
N SER A 140 1.85 13.08 -5.14
CA SER A 140 3.20 13.61 -5.25
C SER A 140 4.18 12.57 -5.77
N TRP A 141 3.99 11.31 -5.35
CA TRP A 141 4.81 10.21 -5.81
C TRP A 141 4.60 9.98 -7.30
N TYR A 142 3.34 9.97 -7.70
CA TYR A 142 2.97 9.77 -9.10
C TYR A 142 3.54 10.88 -9.98
N GLN A 143 3.50 12.12 -9.47
CA GLN A 143 4.01 13.27 -10.21
C GLN A 143 5.49 13.12 -10.54
N GLN A 144 6.28 12.75 -9.54
CA GLN A 144 7.72 12.64 -9.70
C GLN A 144 8.13 11.48 -10.61
N VAL A 145 7.27 10.46 -10.70
CA VAL A 145 7.57 9.30 -11.54
C VAL A 145 7.43 9.64 -13.02
N ILE A 146 6.33 10.30 -13.37
CA ILE A 146 6.04 10.60 -14.76
C ILE A 146 6.67 11.91 -15.22
N ALA A 147 7.22 12.66 -14.27
CA ALA A 147 7.79 13.97 -14.59
C ALA A 147 8.98 13.87 -15.52
N SER A 148 9.88 12.91 -15.26
CA SER A 148 11.08 12.81 -16.08
C SER A 148 10.87 11.83 -17.22
N LYS A 149 11.64 12.05 -18.28
CA LYS A 149 11.34 11.50 -19.59
C LYS A 149 11.99 10.15 -19.92
N ASP A 150 12.10 9.26 -18.94
CA ASP A 150 12.66 7.95 -19.26
C ASP A 150 11.58 6.88 -19.43
N GLU A 151 11.75 5.77 -18.72
CA GLU A 151 10.82 4.65 -18.77
C GLU A 151 9.91 4.70 -17.57
N ILE A 152 8.62 4.47 -17.80
CA ILE A 152 7.63 4.60 -16.74
C ILE A 152 7.24 3.25 -16.16
N MET A 153 7.43 3.10 -14.84
CA MET A 153 7.01 1.90 -14.14
CA MET A 153 7.00 1.89 -14.16
C MET A 153 5.48 1.77 -14.20
N THR A 154 4.99 0.54 -14.34
CA THR A 154 3.56 0.30 -14.47
C THR A 154 2.87 -0.05 -13.16
N ASP A 155 3.64 -0.10 -12.08
CA ASP A 155 3.09 -0.46 -10.78
C ASP A 155 3.94 0.11 -9.66
N VAL A 156 3.33 0.23 -8.48
CA VAL A 156 4.05 0.66 -7.29
C VAL A 156 4.93 -0.48 -6.79
N PRO A 157 6.24 -0.23 -6.70
CA PRO A 157 7.16 -1.26 -6.20
C PRO A 157 6.94 -1.54 -4.71
N ALA A 158 7.13 -2.78 -4.30
CA ALA A 158 6.95 -3.16 -2.90
C ALA A 158 8.10 -2.63 -2.06
N PHE A 159 7.77 -2.04 -0.91
CA PHE A 159 8.76 -1.54 0.02
C PHE A 159 9.65 -2.66 0.54
N LYS A 160 10.96 -2.43 0.58
CA LYS A 160 11.91 -3.45 0.98
C LYS A 160 12.08 -3.51 2.49
N ILE A 161 11.82 -4.68 3.05
CA ILE A 161 11.97 -4.90 4.49
C ILE A 161 13.17 -5.79 4.77
N ASN A 162 14.06 -5.32 5.65
CA ASN A 162 15.21 -6.12 6.07
C ASN A 162 14.95 -6.79 7.41
N LYS A 163 15.70 -7.85 7.69
CA LYS A 163 15.54 -8.61 8.93
C LYS A 163 15.83 -7.73 10.15
N ARG A 164 15.15 -8.01 11.25
CA ARG A 164 15.34 -7.27 12.50
C ARG A 164 16.77 -7.39 13.01
#